data_7YGI
#
_entry.id   7YGI
#
_cell.length_a   144.839
_cell.length_b   68.750
_cell.length_c   83.847
_cell.angle_alpha   90.00
_cell.angle_beta   99.69
_cell.angle_gamma   90.00
#
_symmetry.space_group_name_H-M   'C 1 2 1'
#
loop_
_entity.id
_entity.type
_entity.pdbx_description
1 polymer 'Cellular tumor antigen p53'
2 polymer Azurin
3 non-polymer 'SODIUM ION'
4 non-polymer 'ZINC ION'
5 non-polymer 'POTASSIUM ION'
6 non-polymer 'PHOSPHATE ION'
7 water water
#
loop_
_entity_poly.entity_id
_entity_poly.type
_entity_poly.pdbx_seq_one_letter_code
_entity_poly.pdbx_strand_id
1 'polypeptide(L)'
;PLSSSVPSQKTYQGSYGFRLGFLHSGTAKSVTCTYSPALNKMFCQLAKTCPVQLWVDSTPPPGTRVRAMAIYKQSQHMTE
VVRRCPHHERCSDSDGLAPPQHLIRVEGNLRVEYLDDRNTFRHSVVVPYEPPEVGSDCTTIHYNYMCNSSCMGGMNRRPI
LTIITLEDSSGNLLGRNSFEVRVCACPGRDRRTEEENL
;
A,B
2 'polypeptide(L)'
;CSVDIQGNDQMQFNTNAITVDKSCKQFTVNLSHPGNLPKNVMGHNWVLSTAADMQGVVTDGMASGLDKDYLKPDDSRVIA
HTKLIGSGEKDSVTFDVSKLKEGEQYMFFCTFPGHSALMKGTL
;
C,D
#
# COMPACT_ATOMS: atom_id res chain seq x y z
N PRO A 1 15.86 5.18 23.07
CA PRO A 1 17.16 5.67 23.54
C PRO A 1 17.50 7.08 23.03
N LEU A 2 17.51 8.06 23.93
CA LEU A 2 17.93 9.41 23.57
C LEU A 2 19.41 9.42 23.22
N SER A 3 19.80 10.45 22.47
CA SER A 3 21.19 10.62 22.08
C SER A 3 21.90 11.46 23.13
N SER A 4 23.19 11.18 23.32
CA SER A 4 24.00 11.92 24.28
C SER A 4 24.36 13.33 23.80
N SER A 5 24.05 13.66 22.54
CA SER A 5 24.53 14.86 21.86
C SER A 5 23.39 15.50 21.08
N VAL A 6 23.66 16.69 20.54
CA VAL A 6 22.72 17.40 19.69
C VAL A 6 23.47 17.88 18.45
N PRO A 7 23.11 17.45 17.24
CA PRO A 7 23.83 17.90 16.05
C PRO A 7 23.67 19.41 15.86
N SER A 8 24.74 20.04 15.37
CA SER A 8 24.72 21.46 15.06
C SER A 8 23.77 21.78 13.92
N GLN A 9 23.07 22.90 14.05
CA GLN A 9 22.25 23.49 13.00
C GLN A 9 22.76 24.87 12.65
N LYS A 10 23.98 25.20 13.06
CA LYS A 10 24.53 26.49 12.70
C LYS A 10 24.87 26.50 11.21
N THR A 11 24.26 27.43 10.49
CA THR A 11 24.67 27.77 9.14
C THR A 11 26.17 28.00 9.03
N TYR A 12 26.76 27.38 8.01
CA TYR A 12 28.20 27.45 7.71
C TYR A 12 28.33 27.32 6.20
N GLN A 13 28.51 28.45 5.51
CA GLN A 13 28.64 28.40 4.05
C GLN A 13 29.98 27.85 3.61
N GLY A 14 31.02 28.06 4.42
CA GLY A 14 32.30 27.41 4.22
C GLY A 14 33.10 27.98 3.06
N SER A 15 34.03 27.16 2.56
CA SER A 15 34.97 27.63 1.56
C SER A 15 34.32 27.76 0.19
N TYR A 16 33.31 26.93 -0.11
CA TYR A 16 32.71 26.85 -1.44
C TYR A 16 31.38 27.60 -1.52
N GLY A 17 31.00 28.30 -0.46
CA GLY A 17 29.84 29.19 -0.50
C GLY A 17 28.56 28.39 -0.62
N PHE A 18 28.32 27.53 0.36
CA PHE A 18 27.27 26.53 0.28
C PHE A 18 25.94 27.15 0.72
N ARG A 19 24.97 27.14 -0.19
CA ARG A 19 23.62 27.64 0.08
C ARG A 19 22.59 26.61 -0.35
N LEU A 20 21.42 26.70 0.25
CA LEU A 20 20.27 25.90 -0.13
C LEU A 20 19.29 26.72 -0.96
N GLY A 21 18.64 26.05 -1.90
CA GLY A 21 17.54 26.65 -2.60
C GLY A 21 16.43 25.62 -2.77
N PHE A 22 15.29 26.11 -3.25
CA PHE A 22 14.08 25.32 -3.34
C PHE A 22 13.30 25.85 -4.52
N LEU A 23 12.53 24.98 -5.18
CA LEU A 23 11.73 25.40 -6.31
C LEU A 23 10.74 26.47 -5.86
N HIS A 24 10.34 27.35 -6.79
CA HIS A 24 9.38 28.40 -6.45
C HIS A 24 8.00 27.89 -6.82
N SER A 25 7.49 27.01 -5.95
CA SER A 25 6.36 26.14 -6.28
C SER A 25 5.00 26.80 -6.10
N GLY A 26 4.85 27.78 -5.20
CA GLY A 26 3.54 28.36 -4.96
C GLY A 26 2.73 27.49 -4.02
N THR A 27 1.49 27.87 -3.77
CA THR A 27 0.66 27.19 -2.77
C THR A 27 -0.64 26.68 -3.34
N ALA A 28 -0.69 26.37 -4.63
CA ALA A 28 -1.87 25.69 -5.16
C ALA A 28 -2.02 24.33 -4.50
N LYS A 29 -3.28 23.88 -4.35
CA LYS A 29 -3.56 22.67 -3.58
C LYS A 29 -2.94 21.43 -4.23
N SER A 30 -2.61 21.50 -5.52
CA SER A 30 -2.02 20.39 -6.23
C SER A 30 -0.52 20.24 -5.99
N VAL A 31 0.16 21.26 -5.42
CA VAL A 31 1.59 21.11 -5.16
C VAL A 31 1.81 19.96 -4.20
N THR A 32 2.85 19.18 -4.47
CA THR A 32 3.30 18.11 -3.59
C THR A 32 4.40 18.57 -2.65
N CYS A 33 4.94 19.76 -2.86
CA CYS A 33 6.10 20.20 -2.13
C CYS A 33 6.31 21.69 -2.37
N THR A 34 6.31 22.50 -1.32
CA THR A 34 6.46 23.93 -1.49
C THR A 34 7.17 24.53 -0.29
N TYR A 35 8.13 25.40 -0.57
CA TYR A 35 9.00 26.00 0.44
C TYR A 35 8.54 27.42 0.73
N SER A 36 8.49 27.76 2.02
CA SER A 36 8.14 29.12 2.41
C SER A 36 9.42 29.85 2.75
N PRO A 37 9.84 30.86 1.95
CA PRO A 37 11.06 31.60 2.33
C PRO A 37 10.93 32.28 3.66
N ALA A 38 9.74 32.85 3.94
CA ALA A 38 9.57 33.68 5.13
C ALA A 38 9.69 32.87 6.39
N LEU A 39 9.21 31.63 6.33
CA LEU A 39 9.29 30.68 7.42
C LEU A 39 10.48 29.74 7.31
N ASN A 40 11.24 29.81 6.21
CA ASN A 40 12.34 28.86 5.96
C ASN A 40 11.86 27.45 6.26
N LYS A 41 10.70 27.12 5.69
CA LYS A 41 9.97 25.90 5.99
C LYS A 41 9.57 25.19 4.71
N MET A 42 9.96 23.93 4.61
CA MET A 42 9.52 23.02 3.55
C MET A 42 8.22 22.34 3.95
N PHE A 43 7.19 22.48 3.14
CA PHE A 43 5.94 21.75 3.31
C PHE A 43 5.89 20.70 2.21
N CYS A 44 5.80 19.44 2.59
CA CYS A 44 5.88 18.38 1.60
C CYS A 44 4.96 17.26 2.06
N GLN A 45 4.64 16.37 1.12
CA GLN A 45 3.73 15.25 1.34
C GLN A 45 4.52 13.99 1.67
N LEU A 46 3.86 13.06 2.36
CA LEU A 46 4.54 11.83 2.73
C LEU A 46 4.93 11.05 1.48
N ALA A 47 6.21 10.66 1.41
CA ALA A 47 6.76 9.82 0.35
C ALA A 47 6.65 10.46 -1.02
N LYS A 48 6.44 11.76 -1.10
CA LYS A 48 6.46 12.42 -2.37
C LYS A 48 7.82 13.04 -2.58
N THR A 49 8.21 13.21 -3.86
CA THR A 49 9.49 13.83 -4.18
C THR A 49 9.58 15.21 -3.55
N CYS A 50 10.73 15.50 -2.96
CA CYS A 50 10.95 16.77 -2.27
C CYS A 50 12.31 17.28 -2.73
N PRO A 51 12.33 18.08 -3.80
CA PRO A 51 13.62 18.54 -4.35
C PRO A 51 14.24 19.62 -3.47
N VAL A 52 15.55 19.50 -3.26
CA VAL A 52 16.36 20.44 -2.48
C VAL A 52 17.59 20.77 -3.31
N GLN A 53 17.82 22.05 -3.56
CA GLN A 53 18.93 22.46 -4.42
C GLN A 53 20.14 22.86 -3.59
N LEU A 54 21.32 22.39 -4.06
CA LEU A 54 22.62 22.78 -3.53
C LEU A 54 23.23 23.83 -4.45
N TRP A 55 23.51 25.01 -3.90
CA TRP A 55 24.15 26.11 -4.61
C TRP A 55 25.51 26.37 -4.00
N VAL A 56 26.55 26.40 -4.83
CA VAL A 56 27.89 26.74 -4.40
C VAL A 56 28.41 27.89 -5.25
N ASP A 57 29.22 28.77 -4.62
CA ASP A 57 30.00 29.75 -5.36
C ASP A 57 31.12 29.10 -6.16
N SER A 58 31.63 27.97 -5.71
CA SER A 58 32.78 27.34 -6.34
C SER A 58 32.73 25.84 -6.04
N THR A 59 33.26 25.04 -6.95
CA THR A 59 33.01 23.60 -6.92
C THR A 59 33.75 22.96 -5.75
N PRO A 60 33.08 22.18 -4.91
CA PRO A 60 33.79 21.37 -3.91
C PRO A 60 34.58 20.27 -4.58
N PRO A 61 35.64 19.80 -3.92
CA PRO A 61 36.58 18.87 -4.57
C PRO A 61 35.96 17.49 -4.79
N PRO A 62 36.63 16.61 -5.54
CA PRO A 62 36.07 15.28 -5.76
C PRO A 62 36.03 14.47 -4.49
N GLY A 63 34.99 13.66 -4.34
CA GLY A 63 34.81 12.89 -3.13
C GLY A 63 33.94 13.56 -2.09
N THR A 64 33.63 14.85 -2.28
CA THR A 64 32.67 15.56 -1.44
C THR A 64 31.36 14.81 -1.37
N ARG A 65 30.73 14.86 -0.20
CA ARG A 65 29.50 14.13 0.05
C ARG A 65 28.47 15.08 0.66
N VAL A 66 27.18 14.75 0.48
CA VAL A 66 26.04 15.56 0.93
C VAL A 66 25.17 14.72 1.87
N ARG A 67 25.06 15.14 3.14
CA ARG A 67 24.33 14.40 4.17
C ARG A 67 23.08 15.15 4.65
N ALA A 68 22.00 14.39 4.89
CA ALA A 68 20.77 14.93 5.47
C ALA A 68 20.43 14.24 6.79
N MET A 69 20.07 15.03 7.81
CA MET A 69 19.65 14.48 9.10
C MET A 69 18.51 15.32 9.65
N ALA A 70 17.47 14.65 10.17
CA ALA A 70 16.40 15.32 10.90
C ALA A 70 16.72 15.40 12.39
N ILE A 71 16.33 16.52 12.99
CA ILE A 71 16.29 16.66 14.44
C ILE A 71 15.00 17.39 14.80
N TYR A 72 14.61 17.27 16.05
CA TYR A 72 13.45 18.03 16.54
C TYR A 72 13.79 19.49 16.78
N LYS A 73 12.84 20.36 16.42
CA LYS A 73 13.09 21.80 16.52
C LYS A 73 13.03 22.30 17.96
N GLN A 74 12.23 21.69 18.80
CA GLN A 74 12.01 22.19 20.15
C GLN A 74 13.08 21.67 21.09
N SER A 75 13.51 22.51 22.03
CA SER A 75 14.69 22.19 22.81
C SER A 75 14.49 20.92 23.65
N GLN A 76 13.31 20.75 24.27
CA GLN A 76 13.10 19.58 25.13
C GLN A 76 13.08 18.27 24.33
N HIS A 77 12.91 18.33 23.01
CA HIS A 77 12.90 17.14 22.18
C HIS A 77 14.19 16.95 21.38
N MET A 78 15.16 17.83 21.55
CA MET A 78 16.30 17.86 20.64
C MET A 78 17.15 16.59 20.75
N THR A 79 17.29 16.05 21.97
CA THR A 79 18.12 14.86 22.16
C THR A 79 17.48 13.57 21.67
N GLU A 80 16.17 13.58 21.42
CA GLU A 80 15.49 12.38 20.95
C GLU A 80 15.73 12.20 19.47
N VAL A 81 16.12 10.97 19.07
CA VAL A 81 16.38 10.67 17.66
C VAL A 81 15.07 10.75 16.87
N VAL A 82 15.10 11.45 15.76
CA VAL A 82 13.95 11.49 14.87
C VAL A 82 13.89 10.19 14.07
N ARG A 83 12.77 9.48 14.19
CA ARG A 83 12.60 8.18 13.57
C ARG A 83 11.14 8.01 13.16
N ARG A 84 10.91 7.03 12.29
CA ARG A 84 9.57 6.73 11.83
C ARG A 84 8.71 6.16 12.96
N CYS A 85 7.40 6.34 12.81
CA CYS A 85 6.46 5.82 13.80
C CYS A 85 6.33 4.30 13.68
N PRO A 86 5.85 3.64 14.73
CA PRO A 86 5.73 2.18 14.65
C PRO A 86 5.01 1.71 13.40
N HIS A 87 3.96 2.43 12.98
CA HIS A 87 3.20 2.01 11.82
C HIS A 87 4.05 2.05 10.56
N HIS A 88 4.80 3.12 10.35
CA HIS A 88 5.62 3.17 9.15
C HIS A 88 6.85 2.30 9.25
N GLU A 89 7.45 2.18 10.43
CA GLU A 89 8.56 1.25 10.63
C GLU A 89 8.22 -0.14 10.10
N ARG A 90 6.97 -0.57 10.29
CA ARG A 90 6.55 -1.92 9.96
C ARG A 90 5.88 -2.02 8.60
N CYS A 91 5.73 -0.91 7.88
CA CYS A 91 4.92 -1.01 6.68
C CYS A 91 5.74 -1.56 5.51
N SER A 92 5.04 -1.93 4.44
CA SER A 92 5.70 -2.58 3.30
C SER A 92 6.05 -1.56 2.21
N ASP A 93 6.85 -0.53 2.54
CA ASP A 93 7.19 0.50 1.57
C ASP A 93 8.68 0.55 1.24
N SER A 94 9.42 -0.52 1.56
CA SER A 94 10.85 -0.52 1.36
C SER A 94 11.17 -0.36 -0.12
N ASP A 95 12.16 0.51 -0.40
CA ASP A 95 12.79 0.66 -1.70
C ASP A 95 14.05 -0.19 -1.84
N GLY A 96 14.23 -1.21 -1.00
CA GLY A 96 15.42 -2.05 -1.04
C GLY A 96 16.69 -1.44 -0.45
N LEU A 97 16.82 -0.11 -0.42
CA LEU A 97 18.03 0.49 0.15
C LEU A 97 17.84 1.03 1.56
N ALA A 98 16.78 1.83 1.81
CA ALA A 98 16.71 2.57 3.06
C ALA A 98 16.33 1.65 4.22
N PRO A 99 16.91 1.88 5.38
CA PRO A 99 16.48 1.19 6.59
C PRO A 99 15.04 1.53 6.93
N PRO A 100 14.30 0.54 7.43
CA PRO A 100 12.87 0.76 7.68
C PRO A 100 12.57 1.84 8.72
N GLN A 101 13.53 2.22 9.57
CA GLN A 101 13.25 3.25 10.57
C GLN A 101 13.58 4.67 10.10
N HIS A 102 14.18 4.85 8.92
CA HIS A 102 14.72 6.15 8.53
C HIS A 102 13.62 7.07 8.01
N LEU A 103 13.53 8.27 8.59
CA LEU A 103 12.55 9.24 8.12
C LEU A 103 12.86 9.70 6.69
N ILE A 104 14.13 10.00 6.41
CA ILE A 104 14.55 10.62 5.15
C ILE A 104 15.15 9.59 4.20
N ARG A 105 14.72 9.61 2.96
CA ARG A 105 15.29 8.80 1.89
C ARG A 105 15.72 9.71 0.74
N VAL A 106 16.62 9.20 -0.11
CA VAL A 106 16.95 9.81 -1.39
C VAL A 106 16.47 8.90 -2.51
N GLU A 107 15.77 9.47 -3.49
CA GLU A 107 15.26 8.67 -4.59
C GLU A 107 16.13 8.85 -5.82
N GLY A 108 16.16 7.80 -6.65
CA GLY A 108 16.86 7.81 -7.92
C GLY A 108 18.36 8.02 -7.84
N ASN A 109 19.01 7.44 -6.82
CA ASN A 109 20.45 7.58 -6.65
C ASN A 109 20.97 6.28 -6.06
N LEU A 110 21.53 5.42 -6.91
CA LEU A 110 22.05 4.12 -6.48
C LEU A 110 23.30 4.23 -5.63
N ARG A 111 23.81 5.43 -5.39
CA ARG A 111 24.92 5.51 -4.46
C ARG A 111 24.51 6.06 -3.12
N VAL A 112 23.21 6.19 -2.91
CA VAL A 112 22.75 6.65 -1.61
C VAL A 112 23.27 5.71 -0.54
N GLU A 113 23.57 6.27 0.64
CA GLU A 113 24.13 5.51 1.74
C GLU A 113 23.42 5.97 2.99
N TYR A 114 23.02 5.03 3.85
CA TYR A 114 22.29 5.36 5.07
C TYR A 114 23.11 4.91 6.27
N LEU A 115 23.05 5.73 7.33
CA LEU A 115 23.86 5.49 8.52
C LEU A 115 23.00 5.51 9.77
N ASP A 116 23.15 4.46 10.60
CA ASP A 116 22.82 4.49 12.02
C ASP A 116 24.12 4.82 12.76
N ASP A 117 24.25 6.03 13.28
CA ASP A 117 25.49 6.39 13.95
C ASP A 117 25.73 5.54 15.20
N ARG A 118 26.90 4.87 15.23
CA ARG A 118 27.26 3.98 16.33
C ARG A 118 27.15 4.65 17.68
N ASN A 119 27.42 5.96 17.75
CA ASN A 119 27.64 6.65 19.02
C ASN A 119 26.57 7.67 19.35
N THR A 120 26.02 8.37 18.35
CA THR A 120 24.97 9.37 18.57
C THR A 120 23.58 8.82 18.29
N PHE A 121 23.48 7.68 17.62
CA PHE A 121 22.23 7.00 17.30
C PHE A 121 21.43 7.73 16.25
N ARG A 122 21.99 8.76 15.61
CA ARG A 122 21.24 9.54 14.64
C ARG A 122 21.15 8.81 13.30
N HIS A 123 20.03 8.99 12.64
CA HIS A 123 19.88 8.51 11.27
C HIS A 123 20.26 9.63 10.32
N SER A 124 20.89 9.25 9.22
CA SER A 124 21.26 10.21 8.20
C SER A 124 21.41 9.45 6.88
N VAL A 125 21.34 10.21 5.79
CA VAL A 125 21.42 9.62 4.44
C VAL A 125 22.38 10.48 3.62
N VAL A 126 23.46 9.88 3.13
CA VAL A 126 24.48 10.64 2.42
C VAL A 126 24.58 10.15 0.97
N VAL A 127 24.67 11.10 0.05
CA VAL A 127 24.88 10.82 -1.37
C VAL A 127 26.13 11.58 -1.78
N PRO A 128 26.75 11.23 -2.91
CA PRO A 128 27.92 11.98 -3.35
C PRO A 128 27.48 13.31 -3.91
N TYR A 129 28.35 14.30 -3.75
CA TYR A 129 28.12 15.59 -4.38
C TYR A 129 28.37 15.50 -5.87
N GLU A 130 27.42 15.98 -6.66
CA GLU A 130 27.70 16.12 -8.06
C GLU A 130 27.52 17.56 -8.51
N PRO A 131 28.37 18.04 -9.41
CA PRO A 131 28.22 19.40 -9.91
C PRO A 131 26.88 19.55 -10.61
N PRO A 132 26.39 20.76 -10.82
CA PRO A 132 25.16 20.93 -11.60
C PRO A 132 25.37 20.39 -13.00
N GLU A 133 24.28 19.94 -13.63
CA GLU A 133 24.31 19.62 -15.04
C GLU A 133 24.74 20.84 -15.86
N VAL A 134 25.15 20.56 -17.10
CA VAL A 134 25.52 21.62 -18.02
C VAL A 134 24.37 22.61 -18.15
N GLY A 135 24.67 23.89 -18.00
CA GLY A 135 23.64 24.91 -18.06
C GLY A 135 22.81 25.07 -16.80
N SER A 136 23.11 24.34 -15.74
CA SER A 136 22.38 24.47 -14.48
C SER A 136 23.23 25.20 -13.45
N ASP A 137 22.56 25.90 -12.54
CA ASP A 137 23.23 26.67 -11.51
C ASP A 137 23.27 25.97 -10.17
N CYS A 138 22.59 24.84 -10.02
CA CYS A 138 22.50 24.19 -8.73
C CYS A 138 22.44 22.68 -8.92
N THR A 139 22.72 21.97 -7.84
CA THR A 139 22.53 20.53 -7.79
C THR A 139 21.24 20.21 -7.06
N THR A 140 20.41 19.37 -7.65
CA THR A 140 19.13 19.02 -7.05
C THR A 140 19.20 17.61 -6.49
N ILE A 141 18.85 17.45 -5.22
CA ILE A 141 18.69 16.15 -4.60
C ILE A 141 17.20 15.94 -4.36
N HIS A 142 16.73 14.71 -4.57
CA HIS A 142 15.31 14.36 -4.49
C HIS A 142 15.09 13.53 -3.23
N TYR A 143 14.70 14.22 -2.16
CA TYR A 143 14.41 13.56 -0.89
C TYR A 143 12.96 13.05 -0.85
N ASN A 144 12.72 12.10 0.05
CA ASN A 144 11.38 11.64 0.40
C ASN A 144 11.30 11.59 1.91
N TYR A 145 10.20 12.09 2.47
CA TYR A 145 9.98 12.02 3.91
C TYR A 145 8.91 10.98 4.18
N MET A 146 9.26 9.95 4.96
CA MET A 146 8.50 8.72 4.99
C MET A 146 7.59 8.59 6.22
N CYS A 147 7.46 9.64 7.02
CA CYS A 147 6.44 9.76 8.05
C CYS A 147 5.75 11.11 7.95
N ASN A 148 4.56 11.18 8.50
CA ASN A 148 3.72 12.38 8.58
C ASN A 148 3.95 13.13 9.88
N SER A 149 3.82 14.44 9.80
CA SER A 149 3.67 15.27 11.01
C SER A 149 2.42 14.97 11.80
N SER A 150 1.58 14.04 11.37
CA SER A 150 0.45 13.67 12.21
C SER A 150 0.45 12.17 12.52
N CYS A 151 1.55 11.48 12.24
CA CYS A 151 1.69 10.09 12.64
C CYS A 151 1.68 9.96 14.15
N MET A 152 1.06 8.90 14.62
CA MET A 152 1.01 8.57 16.03
C MET A 152 2.35 8.01 16.49
N GLY A 153 2.92 8.63 17.52
CA GLY A 153 4.07 8.03 18.16
C GLY A 153 5.36 8.04 17.37
N GLY A 154 5.41 8.76 16.26
CA GLY A 154 6.70 8.92 15.62
C GLY A 154 7.26 10.28 15.98
N MET A 155 7.27 11.20 15.01
CA MET A 155 7.41 12.61 15.36
C MET A 155 6.32 13.06 16.31
N ASN A 156 5.28 12.23 16.48
CA ASN A 156 4.10 12.54 17.28
C ASN A 156 3.72 14.01 17.17
N ARG A 157 3.73 14.53 15.95
CA ARG A 157 3.29 15.89 15.61
C ARG A 157 4.27 16.97 16.05
N ARG A 158 5.51 16.62 16.45
CA ARG A 158 6.44 17.67 16.84
C ARG A 158 7.13 18.25 15.60
N PRO A 159 7.44 19.54 15.60
CA PRO A 159 8.16 20.11 14.46
C PRO A 159 9.59 19.58 14.38
N ILE A 160 10.09 19.44 13.14
CA ILE A 160 11.45 18.99 12.90
C ILE A 160 12.12 19.95 11.93
N LEU A 161 13.44 19.93 11.97
CA LEU A 161 14.22 20.54 10.92
C LEU A 161 15.15 19.50 10.30
N THR A 162 15.44 19.71 9.03
CA THR A 162 16.45 18.96 8.31
C THR A 162 17.76 19.75 8.32
N ILE A 163 18.88 19.06 8.55
CA ILE A 163 20.21 19.63 8.41
C ILE A 163 20.89 19.01 7.19
N ILE A 164 21.29 19.85 6.24
CA ILE A 164 22.09 19.44 5.10
C ILE A 164 23.52 19.86 5.35
N THR A 165 24.42 18.90 5.44
CA THR A 165 25.82 19.19 5.64
C THR A 165 26.63 18.70 4.44
N LEU A 166 27.64 19.47 4.07
CA LEU A 166 28.56 19.13 3.00
C LEU A 166 29.84 18.63 3.66
N GLU A 167 30.36 17.48 3.21
CA GLU A 167 31.49 16.80 3.83
C GLU A 167 32.52 16.41 2.80
N ASP A 168 33.79 16.45 3.20
CA ASP A 168 34.83 15.86 2.37
C ASP A 168 34.80 14.32 2.51
N SER A 169 35.71 13.65 1.79
CA SER A 169 35.66 12.19 1.68
C SER A 169 35.86 11.50 3.02
N SER A 170 36.45 12.21 3.97
CA SER A 170 36.73 11.70 5.30
C SER A 170 35.66 12.07 6.30
N GLY A 171 34.60 12.77 5.89
CA GLY A 171 33.55 13.13 6.80
C GLY A 171 33.70 14.48 7.48
N ASN A 172 34.80 15.19 7.22
CA ASN A 172 35.00 16.51 7.81
C ASN A 172 34.00 17.51 7.23
N LEU A 173 33.65 18.52 8.05
CA LEU A 173 32.63 19.50 7.68
C LEU A 173 33.14 20.52 6.66
N LEU A 174 32.42 20.66 5.54
CA LEU A 174 32.65 21.74 4.58
C LEU A 174 31.54 22.78 4.51
N GLY A 175 30.29 22.40 4.77
CA GLY A 175 29.25 23.40 4.84
C GLY A 175 28.05 22.84 5.60
N ARG A 176 27.21 23.75 6.09
CA ARG A 176 26.00 23.35 6.79
C ARG A 176 24.91 24.38 6.55
N ASN A 177 23.69 23.88 6.37
CA ASN A 177 22.50 24.71 6.27
C ASN A 177 21.34 23.88 6.85
N SER A 178 20.19 24.53 6.99
CA SER A 178 19.08 23.83 7.64
C SER A 178 17.77 24.48 7.22
N PHE A 179 16.68 23.70 7.30
CA PHE A 179 15.35 24.23 7.05
C PHE A 179 14.34 23.41 7.85
N GLU A 180 13.27 24.08 8.27
CA GLU A 180 12.18 23.36 8.92
C GLU A 180 11.39 22.59 7.88
N VAL A 181 10.77 21.48 8.31
CA VAL A 181 10.02 20.59 7.45
C VAL A 181 8.67 20.30 8.09
N ARG A 182 7.60 20.48 7.34
CA ARG A 182 6.29 19.97 7.73
C ARG A 182 5.84 19.00 6.67
N VAL A 183 5.70 17.74 7.06
CA VAL A 183 5.21 16.69 6.18
C VAL A 183 3.72 16.57 6.43
N CYS A 184 2.91 16.84 5.43
CA CYS A 184 1.48 16.95 5.67
C CYS A 184 0.73 16.62 4.39
N ALA A 185 -0.61 16.61 4.51
CA ALA A 185 -1.48 16.10 3.46
C ALA A 185 -1.65 17.11 2.33
N CYS A 186 -1.79 18.39 2.64
CA CYS A 186 -2.00 19.43 1.64
C CYS A 186 -0.96 20.51 1.87
N PRO A 187 0.28 20.33 1.38
CA PRO A 187 1.33 21.32 1.61
C PRO A 187 0.98 22.73 1.15
N GLY A 188 0.36 22.89 -0.03
CA GLY A 188 -0.04 24.23 -0.44
C GLY A 188 -0.93 24.95 0.55
N ARG A 189 -2.01 24.29 0.97
CA ARG A 189 -2.91 24.92 1.94
C ARG A 189 -2.19 25.19 3.26
N ASP A 190 -1.39 24.25 3.75
CA ASP A 190 -0.72 24.45 5.03
C ASP A 190 0.23 25.66 4.99
N ARG A 191 1.03 25.78 3.92
CA ARG A 191 1.91 26.93 3.78
C ARG A 191 1.12 28.24 3.72
N ARG A 192 0.10 28.30 2.87
CA ARG A 192 -0.70 29.52 2.81
C ARG A 192 -1.26 29.86 4.19
N THR A 193 -1.79 28.86 4.90
CA THR A 193 -2.38 29.08 6.21
C THR A 193 -1.33 29.57 7.21
N GLU A 194 -0.24 28.80 7.39
CA GLU A 194 0.82 29.25 8.28
C GLU A 194 1.36 30.60 7.83
N GLU A 195 1.51 30.81 6.52
CA GLU A 195 1.93 32.12 6.09
C GLU A 195 0.92 33.21 6.41
N GLU A 196 -0.34 32.86 6.60
CA GLU A 196 -1.33 33.91 6.87
C GLU A 196 -1.21 34.50 8.26
N ASN A 197 -0.60 33.79 9.19
CA ASN A 197 -0.44 34.32 10.54
C ASN A 197 0.71 35.30 10.67
N LEU A 198 1.45 35.57 9.61
CA LEU A 198 2.50 36.59 9.69
C LEU A 198 1.99 38.01 9.53
N PRO B 1 -19.65 -9.52 34.14
CA PRO B 1 -18.43 -8.81 34.57
C PRO B 1 -18.27 -7.44 33.92
N LEU B 2 -17.89 -6.45 34.73
CA LEU B 2 -17.54 -5.13 34.21
C LEU B 2 -16.15 -5.17 33.58
N SER B 3 -15.93 -4.25 32.64
CA SER B 3 -14.57 -4.04 32.19
C SER B 3 -13.78 -3.28 33.25
N SER B 4 -12.47 -3.50 33.28
CA SER B 4 -11.56 -2.79 34.17
C SER B 4 -11.03 -1.51 33.55
N SER B 5 -11.35 -1.23 32.29
CA SER B 5 -10.87 -0.05 31.61
C SER B 5 -11.97 0.50 30.73
N VAL B 6 -11.70 1.67 30.15
CA VAL B 6 -12.67 2.38 29.31
C VAL B 6 -11.95 2.74 28.02
N PRO B 7 -12.44 2.27 26.87
CA PRO B 7 -11.76 2.61 25.61
C PRO B 7 -11.86 4.09 25.31
N SER B 8 -10.88 4.58 24.56
CA SER B 8 -10.83 5.98 24.20
C SER B 8 -11.87 6.32 23.14
N GLN B 9 -12.52 7.46 23.32
CA GLN B 9 -13.45 8.00 22.34
C GLN B 9 -12.90 9.27 21.70
N LYS B 10 -11.61 9.55 21.90
CA LYS B 10 -10.99 10.75 21.38
C LYS B 10 -10.81 10.63 19.86
N THR B 11 -11.37 11.61 19.16
CA THR B 11 -11.19 11.76 17.71
C THR B 11 -9.73 11.89 17.34
N TYR B 12 -9.37 11.30 16.19
CA TYR B 12 -7.99 11.22 15.76
C TYR B 12 -7.96 10.88 14.28
N GLN B 13 -7.31 11.72 13.46
CA GLN B 13 -7.35 11.51 12.02
C GLN B 13 -6.18 10.66 11.52
N GLY B 14 -4.96 10.88 12.03
CA GLY B 14 -3.84 10.00 11.75
C GLY B 14 -3.24 10.23 10.36
N SER B 15 -2.25 9.38 10.05
CA SER B 15 -1.41 9.60 8.87
C SER B 15 -2.18 9.81 7.58
N TYR B 16 -3.32 9.12 7.43
CA TYR B 16 -4.09 9.14 6.21
C TYR B 16 -5.35 9.99 6.28
N GLY B 17 -5.58 10.70 7.38
CA GLY B 17 -6.75 11.55 7.51
C GLY B 17 -8.07 10.82 7.55
N PHE B 18 -8.36 10.17 8.69
CA PHE B 18 -9.57 9.35 8.87
C PHE B 18 -10.75 10.23 9.31
N ARG B 19 -11.79 10.24 8.49
CA ARG B 19 -13.07 10.86 8.83
C ARG B 19 -14.20 9.87 8.57
N LEU B 20 -15.36 10.15 9.16
CA LEU B 20 -16.59 9.39 8.91
C LEU B 20 -17.59 10.25 8.17
N GLY B 21 -18.56 9.55 7.57
CA GLY B 21 -19.64 10.22 6.85
C GLY B 21 -20.87 9.34 6.77
N PHE B 22 -21.99 10.02 6.57
CA PHE B 22 -23.31 9.43 6.70
C PHE B 22 -24.14 9.96 5.54
N LEU B 23 -25.02 9.11 5.02
CA LEU B 23 -25.94 9.55 3.98
C LEU B 23 -26.83 10.67 4.50
N HIS B 24 -27.11 11.65 3.63
CA HIS B 24 -28.11 12.69 3.90
C HIS B 24 -29.51 12.15 3.54
N SER B 25 -29.99 11.26 4.43
CA SER B 25 -31.16 10.42 4.21
C SER B 25 -32.49 11.07 4.62
N GLY B 26 -32.48 12.19 5.31
CA GLY B 26 -33.75 12.76 5.75
C GLY B 26 -34.35 11.91 6.88
N THR B 27 -35.59 12.27 7.23
CA THR B 27 -36.30 11.68 8.37
C THR B 27 -37.71 11.22 7.97
N ALA B 28 -37.96 10.92 6.71
CA ALA B 28 -39.24 10.35 6.30
C ALA B 28 -39.47 9.00 6.99
N LYS B 29 -40.74 8.59 7.07
CA LYS B 29 -41.08 7.41 7.86
C LYS B 29 -40.47 6.15 7.29
N SER B 30 -40.24 6.12 5.99
CA SER B 30 -39.66 4.94 5.39
C SER B 30 -38.19 4.73 5.76
N VAL B 31 -37.47 5.76 6.20
CA VAL B 31 -36.02 5.62 6.28
C VAL B 31 -35.66 4.67 7.42
N THR B 32 -34.71 3.79 7.15
CA THR B 32 -34.29 2.79 8.12
C THR B 32 -33.15 3.26 8.99
N CYS B 33 -32.43 4.31 8.58
CA CYS B 33 -31.21 4.76 9.25
C CYS B 33 -30.99 6.22 8.91
N THR B 34 -30.98 7.11 9.90
CA THR B 34 -30.77 8.50 9.59
C THR B 34 -29.89 9.14 10.66
N TYR B 35 -28.97 9.96 10.19
CA TYR B 35 -27.92 10.52 11.03
C TYR B 35 -28.19 12.00 11.23
N SER B 36 -28.13 12.43 12.50
CA SER B 36 -28.29 13.82 12.87
C SER B 36 -26.92 14.49 12.94
N PRO B 37 -26.60 15.43 12.05
CA PRO B 37 -25.32 16.13 12.17
C PRO B 37 -25.23 17.00 13.42
N ALA B 38 -26.34 17.66 13.80
CA ALA B 38 -26.32 18.53 14.98
C ALA B 38 -26.08 17.75 16.25
N LEU B 39 -26.63 16.56 16.34
CA LEU B 39 -26.44 15.73 17.53
C LEU B 39 -25.27 14.77 17.42
N ASN B 40 -24.63 14.65 16.25
CA ASN B 40 -23.67 13.57 15.97
C ASN B 40 -24.23 12.24 16.46
N LYS B 41 -25.49 11.99 16.10
CA LYS B 41 -26.19 10.83 16.60
C LYS B 41 -26.89 10.12 15.46
N MET B 42 -26.74 8.80 15.42
CA MET B 42 -27.41 7.98 14.44
C MET B 42 -28.67 7.37 15.05
N PHE B 43 -29.75 7.36 14.28
CA PHE B 43 -31.00 6.70 14.65
C PHE B 43 -31.23 5.58 13.64
N CYS B 44 -31.36 4.35 14.13
CA CYS B 44 -31.50 3.23 13.20
C CYS B 44 -32.46 2.19 13.75
N GLN B 45 -32.94 1.32 12.86
CA GLN B 45 -33.86 0.27 13.26
C GLN B 45 -33.08 -0.99 13.61
N LEU B 46 -33.65 -1.79 14.51
CA LEU B 46 -32.99 -3.03 14.89
C LEU B 46 -32.73 -3.87 13.65
N ALA B 47 -31.48 -4.29 13.48
CA ALA B 47 -31.04 -5.24 12.45
C ALA B 47 -31.18 -4.69 11.04
N LYS B 48 -31.43 -3.39 10.87
CA LYS B 48 -31.44 -2.80 9.54
C LYS B 48 -30.08 -2.18 9.20
N THR B 49 -29.81 -2.15 7.89
CA THR B 49 -28.63 -1.58 7.26
C THR B 49 -28.35 -0.17 7.73
N CYS B 50 -27.17 0.03 8.32
CA CYS B 50 -26.67 1.36 8.67
C CYS B 50 -25.39 1.63 7.91
N PRO B 51 -25.44 2.37 6.81
CA PRO B 51 -24.20 2.80 6.14
C PRO B 51 -23.39 3.75 7.02
N VAL B 52 -22.09 3.47 7.13
CA VAL B 52 -21.15 4.38 7.76
C VAL B 52 -20.01 4.55 6.78
N GLN B 53 -19.72 5.80 6.41
CA GLN B 53 -18.78 6.08 5.33
C GLN B 53 -17.41 6.40 5.92
N LEU B 54 -16.38 5.78 5.36
CA LEU B 54 -15.01 6.09 5.71
C LEU B 54 -14.42 6.99 4.65
N TRP B 55 -13.85 8.12 5.08
CA TRP B 55 -13.20 9.10 4.20
C TRP B 55 -11.73 9.26 4.59
N VAL B 56 -10.84 9.18 3.61
CA VAL B 56 -9.41 9.35 3.86
C VAL B 56 -8.85 10.38 2.89
N ASP B 57 -7.85 11.11 3.36
CA ASP B 57 -7.08 12.01 2.51
C ASP B 57 -6.09 11.25 1.60
N SER B 58 -5.59 10.10 2.05
CA SER B 58 -4.83 9.21 1.19
C SER B 58 -5.09 7.78 1.62
N THR B 59 -4.96 6.86 0.66
CA THR B 59 -5.34 5.45 0.81
C THR B 59 -4.45 4.73 1.80
N PRO B 60 -5.00 4.13 2.86
CA PRO B 60 -4.18 3.26 3.72
C PRO B 60 -3.65 2.09 2.94
N PRO B 61 -2.47 1.59 3.29
CA PRO B 61 -1.88 0.46 2.57
C PRO B 61 -2.66 -0.81 2.81
N PRO B 62 -2.39 -1.87 2.02
CA PRO B 62 -3.07 -3.17 2.22
C PRO B 62 -2.95 -3.73 3.64
N GLY B 63 -3.93 -4.56 4.01
CA GLY B 63 -3.98 -5.15 5.32
C GLY B 63 -4.53 -4.23 6.41
N THR B 64 -4.94 -3.02 6.04
CA THR B 64 -5.50 -2.09 7.00
C THR B 64 -6.88 -2.56 7.42
N ARG B 65 -7.28 -2.26 8.66
CA ARG B 65 -8.51 -2.80 9.25
C ARG B 65 -9.35 -1.69 9.88
N VAL B 66 -10.65 -1.95 9.96
CA VAL B 66 -11.65 -1.00 10.50
C VAL B 66 -12.41 -1.67 11.64
N ARG B 67 -12.27 -1.15 12.87
CA ARG B 67 -12.94 -1.71 14.04
C ARG B 67 -14.10 -0.82 14.52
N ALA B 68 -15.22 -1.45 14.92
CA ALA B 68 -16.32 -0.76 15.60
C ALA B 68 -16.61 -1.39 16.97
N MET B 69 -16.94 -0.54 17.94
CA MET B 69 -17.14 -0.99 19.30
C MET B 69 -18.07 -0.02 20.00
N ALA B 70 -19.02 -0.57 20.77
CA ALA B 70 -20.00 0.22 21.50
C ALA B 70 -19.58 0.33 22.95
N ILE B 71 -19.78 1.50 23.51
CA ILE B 71 -19.72 1.74 24.95
C ILE B 71 -20.95 2.55 25.29
N TYR B 72 -21.36 2.48 26.54
CA TYR B 72 -22.40 3.36 27.01
C TYR B 72 -21.87 4.77 27.05
N LYS B 73 -22.78 5.74 26.90
CA LYS B 73 -22.39 7.15 26.86
C LYS B 73 -22.26 7.75 28.27
N GLN B 74 -23.07 7.29 29.21
CA GLN B 74 -23.06 7.81 30.57
C GLN B 74 -21.86 7.26 31.34
N SER B 75 -21.01 8.17 31.80
CA SER B 75 -19.78 7.80 32.50
C SER B 75 -19.98 6.69 33.54
N GLN B 76 -21.02 6.81 34.38
CA GLN B 76 -21.26 5.81 35.43
C GLN B 76 -21.53 4.42 34.88
N HIS B 77 -21.78 4.30 33.57
CA HIS B 77 -22.07 3.03 32.92
C HIS B 77 -20.98 2.63 31.92
N MET B 78 -19.85 3.35 31.93
CA MET B 78 -18.90 3.15 30.86
C MET B 78 -18.10 1.87 31.01
N THR B 79 -17.94 1.36 32.24
CA THR B 79 -17.29 0.06 32.41
C THR B 79 -18.21 -1.12 32.10
N GLU B 80 -19.51 -0.92 31.90
CA GLU B 80 -20.41 -2.03 31.60
C GLU B 80 -20.30 -2.39 30.13
N VAL B 81 -20.03 -3.67 29.83
CA VAL B 81 -19.88 -4.06 28.43
C VAL B 81 -21.24 -3.99 27.73
N VAL B 82 -21.27 -3.32 26.58
CA VAL B 82 -22.50 -3.26 25.80
C VAL B 82 -22.67 -4.61 25.10
N ARG B 83 -23.82 -5.25 25.33
CA ARG B 83 -24.11 -6.59 24.82
C ARG B 83 -25.61 -6.66 24.52
N ARG B 84 -26.02 -7.77 23.93
CA ARG B 84 -27.45 -7.96 23.68
C ARG B 84 -28.15 -8.43 24.94
N CYS B 85 -29.45 -8.13 25.04
CA CYS B 85 -30.25 -8.60 26.14
C CYS B 85 -30.38 -10.13 26.05
N PRO B 86 -30.84 -10.78 27.11
CA PRO B 86 -30.98 -12.25 27.04
C PRO B 86 -31.94 -12.69 25.94
N HIS B 87 -33.09 -12.02 25.78
CA HIS B 87 -34.02 -12.45 24.75
C HIS B 87 -33.36 -12.47 23.39
N HIS B 88 -32.68 -11.39 23.01
CA HIS B 88 -32.08 -11.34 21.68
C HIS B 88 -30.85 -12.24 21.59
N GLU B 89 -29.99 -12.25 22.62
CA GLU B 89 -28.88 -13.21 22.64
C GLU B 89 -29.36 -14.63 22.37
N ARG B 90 -30.48 -15.02 22.97
CA ARG B 90 -30.96 -16.39 22.81
C ARG B 90 -31.86 -16.58 21.60
N CYS B 91 -32.14 -15.53 20.82
CA CYS B 91 -33.10 -15.67 19.73
C CYS B 91 -32.42 -16.24 18.50
N SER B 92 -33.21 -16.48 17.45
CA SER B 92 -32.81 -17.34 16.34
C SER B 92 -32.18 -16.60 15.17
N ASP B 93 -31.35 -15.57 15.39
CA ASP B 93 -31.01 -14.66 14.29
C ASP B 93 -29.53 -14.67 13.95
N SER B 94 -28.84 -15.77 14.17
CA SER B 94 -27.41 -15.82 13.92
C SER B 94 -27.12 -16.06 12.44
N ASP B 95 -26.26 -15.23 11.86
CA ASP B 95 -25.83 -15.43 10.49
C ASP B 95 -24.70 -16.46 10.38
N GLY B 96 -24.36 -17.14 11.47
CA GLY B 96 -23.24 -18.06 11.51
C GLY B 96 -21.88 -17.41 11.67
N LEU B 97 -21.80 -16.09 11.74
CA LEU B 97 -20.53 -15.39 11.92
C LEU B 97 -20.46 -14.65 13.24
N ALA B 98 -21.46 -13.82 13.53
CA ALA B 98 -21.40 -13.03 14.75
C ALA B 98 -21.68 -13.92 15.96
N PRO B 99 -21.03 -13.65 17.07
CA PRO B 99 -21.47 -14.23 18.34
C PRO B 99 -22.85 -13.72 18.71
N PRO B 100 -23.69 -14.56 19.28
CA PRO B 100 -25.04 -14.11 19.65
C PRO B 100 -25.07 -12.98 20.70
N GLN B 101 -23.98 -12.74 21.44
CA GLN B 101 -24.04 -11.66 22.42
C GLN B 101 -23.75 -10.28 21.81
N HIS B 102 -23.08 -10.24 20.66
CA HIS B 102 -22.56 -8.99 20.11
C HIS B 102 -23.68 -8.09 19.61
N LEU B 103 -23.70 -6.84 20.09
CA LEU B 103 -24.72 -5.90 19.59
C LEU B 103 -24.47 -5.55 18.13
N ILE B 104 -23.21 -5.30 17.76
CA ILE B 104 -22.87 -4.76 16.46
C ILE B 104 -22.38 -5.87 15.54
N ARG B 105 -22.95 -5.93 14.34
CA ARG B 105 -22.62 -6.88 13.29
C ARG B 105 -22.29 -6.11 12.01
N VAL B 106 -21.69 -6.79 11.04
CA VAL B 106 -21.49 -6.22 9.71
C VAL B 106 -22.19 -7.11 8.71
N GLU B 107 -23.02 -6.51 7.86
CA GLU B 107 -23.71 -7.32 6.87
C GLU B 107 -23.01 -7.19 5.54
N GLY B 108 -23.17 -8.23 4.70
CA GLY B 108 -22.65 -8.20 3.35
C GLY B 108 -21.14 -8.25 3.24
N ASN B 109 -20.47 -8.94 4.15
CA ASN B 109 -19.01 -9.03 4.10
C ASN B 109 -18.59 -10.30 4.86
N LEU B 110 -18.30 -11.35 4.09
CA LEU B 110 -17.83 -12.62 4.63
C LEU B 110 -16.42 -12.53 5.22
N ARG B 111 -15.75 -11.38 5.11
CA ARG B 111 -14.46 -11.23 5.78
C ARG B 111 -14.62 -10.57 7.14
N VAL B 112 -15.84 -10.54 7.68
CA VAL B 112 -16.04 -9.93 8.98
C VAL B 112 -15.37 -10.80 10.05
N GLU B 113 -14.77 -10.13 11.03
CA GLU B 113 -14.11 -10.78 12.15
C GLU B 113 -14.64 -10.20 13.45
N TYR B 114 -15.01 -11.07 14.40
CA TYR B 114 -15.53 -10.67 15.69
C TYR B 114 -14.57 -11.02 16.81
N LEU B 115 -14.60 -10.21 17.86
CA LEU B 115 -13.66 -10.36 18.98
C LEU B 115 -14.39 -10.23 20.30
N ASP B 116 -14.20 -11.21 21.17
CA ASP B 116 -14.40 -11.05 22.62
C ASP B 116 -13.02 -10.76 23.21
N ASP B 117 -12.75 -9.52 23.59
CA ASP B 117 -11.44 -9.20 24.14
C ASP B 117 -11.20 -9.96 25.46
N ARG B 118 -10.13 -10.78 25.50
CA ARG B 118 -9.91 -11.62 26.67
C ARG B 118 -9.59 -10.81 27.92
N ASN B 119 -9.10 -9.58 27.77
CA ASN B 119 -8.68 -8.75 28.90
C ASN B 119 -9.73 -7.69 29.26
N THR B 120 -10.24 -6.95 28.28
CA THR B 120 -11.23 -5.93 28.59
C THR B 120 -12.66 -6.44 28.63
N PHE B 121 -12.93 -7.60 28.02
CA PHE B 121 -14.25 -8.23 27.89
C PHE B 121 -15.12 -7.54 26.86
N ARG B 122 -14.62 -6.50 26.19
CA ARG B 122 -15.37 -5.76 25.19
C ARG B 122 -15.61 -6.61 23.95
N HIS B 123 -16.78 -6.43 23.34
CA HIS B 123 -17.04 -6.97 22.01
C HIS B 123 -16.68 -5.92 20.98
N SER B 124 -16.17 -6.38 19.85
CA SER B 124 -15.97 -5.52 18.71
C SER B 124 -16.01 -6.37 17.44
N VAL B 125 -16.31 -5.70 16.34
CA VAL B 125 -16.40 -6.30 15.02
C VAL B 125 -15.47 -5.52 14.11
N VAL B 126 -14.76 -6.23 13.23
CA VAL B 126 -13.71 -5.61 12.42
C VAL B 126 -13.79 -6.20 11.03
N VAL B 127 -13.52 -5.36 10.02
CA VAL B 127 -13.49 -5.79 8.63
C VAL B 127 -12.20 -5.26 8.00
N PRO B 128 -11.73 -5.92 6.94
CA PRO B 128 -10.63 -5.33 6.17
C PRO B 128 -11.06 -4.02 5.54
N TYR B 129 -10.18 -3.02 5.60
CA TYR B 129 -10.45 -1.76 4.92
C TYR B 129 -10.36 -1.96 3.41
N GLU B 130 -11.41 -1.60 2.70
CA GLU B 130 -11.29 -1.65 1.24
C GLU B 130 -11.35 -0.25 0.65
N PRO B 131 -10.40 0.14 -0.21
CA PRO B 131 -10.44 1.47 -0.78
C PRO B 131 -11.69 1.64 -1.64
N PRO B 132 -12.14 2.89 -1.85
CA PRO B 132 -13.42 3.10 -2.53
C PRO B 132 -13.50 2.44 -3.90
N GLU B 133 -14.74 2.15 -4.30
CA GLU B 133 -15.09 1.60 -5.59
C GLU B 133 -14.76 2.58 -6.72
N VAL B 134 -14.85 2.08 -7.95
CA VAL B 134 -14.75 2.94 -9.12
C VAL B 134 -15.89 3.94 -9.12
N GLY B 135 -15.58 5.21 -9.30
CA GLY B 135 -16.62 6.23 -9.30
C GLY B 135 -17.19 6.55 -7.94
N SER B 136 -16.52 6.13 -6.87
CA SER B 136 -16.92 6.49 -5.53
C SER B 136 -15.72 7.12 -4.82
N ASP B 137 -16.05 7.93 -3.82
CA ASP B 137 -15.11 8.77 -3.07
C ASP B 137 -14.95 8.33 -1.64
N CYS B 138 -15.73 7.37 -1.18
CA CYS B 138 -15.57 6.91 0.20
C CYS B 138 -15.86 5.42 0.22
N THR B 139 -15.49 4.83 1.35
CA THR B 139 -15.72 3.43 1.62
C THR B 139 -16.91 3.32 2.55
N THR B 140 -17.85 2.43 2.21
CA THR B 140 -19.06 2.25 2.99
C THR B 140 -19.09 0.88 3.62
N ILE B 141 -19.21 0.84 4.95
CA ILE B 141 -19.45 -0.39 5.70
C ILE B 141 -20.90 -0.37 6.13
N HIS B 142 -21.53 -1.54 6.10
CA HIS B 142 -22.95 -1.69 6.44
C HIS B 142 -23.07 -2.42 7.77
N TYR B 143 -23.27 -1.66 8.83
CA TYR B 143 -23.52 -2.19 10.17
C TYR B 143 -25.01 -2.53 10.38
N ASN B 144 -25.25 -3.53 11.23
CA ASN B 144 -26.55 -3.81 11.81
C ASN B 144 -26.41 -3.74 13.33
N TYR B 145 -27.37 -3.12 14.01
CA TYR B 145 -27.42 -3.10 15.49
C TYR B 145 -28.54 -4.01 15.98
N MET B 146 -28.19 -4.99 16.80
CA MET B 146 -29.03 -6.15 17.01
C MET B 146 -29.89 -6.08 18.28
N CYS B 147 -29.95 -4.93 18.95
CA CYS B 147 -30.92 -4.69 20.02
C CYS B 147 -31.48 -3.30 19.80
N ASN B 148 -32.71 -3.08 20.27
CA ASN B 148 -33.18 -1.72 20.43
C ASN B 148 -32.59 -1.12 21.69
N SER B 149 -32.43 0.21 21.67
CA SER B 149 -31.99 0.95 22.85
C SER B 149 -32.84 0.67 24.09
N SER B 150 -34.14 0.41 23.91
CA SER B 150 -35.03 0.16 25.02
C SER B 150 -35.03 -1.30 25.51
N CYS B 151 -34.20 -2.18 24.95
CA CYS B 151 -34.27 -3.59 25.30
C CYS B 151 -33.99 -3.83 26.79
N MET B 152 -35.01 -4.27 27.52
CA MET B 152 -34.82 -4.70 28.91
C MET B 152 -33.75 -5.79 28.99
N GLY B 153 -32.94 -5.74 30.05
CA GLY B 153 -31.85 -6.69 30.15
C GLY B 153 -30.63 -6.35 29.33
N GLY B 154 -30.69 -5.30 28.52
CA GLY B 154 -29.56 -4.91 27.70
C GLY B 154 -29.31 -3.43 27.84
N MET B 155 -29.29 -2.70 26.73
CA MET B 155 -29.06 -1.26 26.81
C MET B 155 -30.10 -0.56 27.68
N ASN B 156 -31.33 -1.06 27.69
CA ASN B 156 -32.39 -0.63 28.64
C ASN B 156 -32.45 0.89 28.78
N ARG B 157 -32.45 1.56 27.64
CA ARG B 157 -32.71 3.00 27.48
C ARG B 157 -31.52 3.86 27.88
N ARG B 158 -30.34 3.28 27.93
CA ARG B 158 -29.12 4.07 28.16
C ARG B 158 -28.46 4.32 26.82
N PRO B 159 -28.19 5.56 26.42
CA PRO B 159 -27.60 5.79 25.10
C PRO B 159 -26.19 5.23 25.03
N ILE B 160 -25.82 4.79 23.83
CA ILE B 160 -24.49 4.26 23.59
C ILE B 160 -23.75 5.16 22.60
N LEU B 161 -22.47 4.90 22.46
CA LEU B 161 -21.62 5.47 21.43
C LEU B 161 -21.03 4.31 20.66
N THR B 162 -20.88 4.49 19.36
CA THR B 162 -20.06 3.59 18.57
C THR B 162 -18.74 4.28 18.28
N ILE B 163 -17.64 3.57 18.51
CA ILE B 163 -16.29 4.05 18.24
C ILE B 163 -15.76 3.27 17.05
N ILE B 164 -15.40 3.99 15.98
CA ILE B 164 -14.77 3.41 14.80
C ILE B 164 -13.28 3.70 14.87
N THR B 165 -12.46 2.68 14.86
CA THR B 165 -11.01 2.84 14.82
C THR B 165 -10.46 2.23 13.55
N LEU B 166 -9.58 2.98 12.88
CA LEU B 166 -8.80 2.45 11.78
C LEU B 166 -7.45 1.96 12.31
N GLU B 167 -7.04 0.76 11.93
CA GLU B 167 -5.77 0.22 12.41
C GLU B 167 -5.06 -0.51 11.28
N ASP B 168 -3.72 -0.56 11.37
CA ASP B 168 -2.96 -1.29 10.38
C ASP B 168 -3.03 -2.79 10.67
N SER B 169 -2.29 -3.56 9.87
CA SER B 169 -2.32 -5.00 10.00
C SER B 169 -1.77 -5.49 11.33
N SER B 170 -0.91 -4.73 11.99
CA SER B 170 -0.37 -5.10 13.30
C SER B 170 -1.11 -4.45 14.47
N GLY B 171 -2.19 -3.73 14.21
CA GLY B 171 -2.96 -3.16 15.28
C GLY B 171 -2.62 -1.74 15.70
N ASN B 172 -1.57 -1.15 15.13
CA ASN B 172 -1.29 0.26 15.37
C ASN B 172 -2.47 1.13 14.95
N LEU B 173 -2.73 2.18 15.75
CA LEU B 173 -3.84 3.09 15.52
C LEU B 173 -3.57 4.04 14.34
N LEU B 174 -4.51 4.10 13.41
CA LEU B 174 -4.43 5.05 12.31
C LEU B 174 -5.47 6.16 12.38
N GLY B 175 -6.62 5.93 13.02
CA GLY B 175 -7.61 6.97 13.13
C GLY B 175 -8.76 6.53 14.00
N ARG B 176 -9.45 7.48 14.64
CA ARG B 176 -10.58 7.17 15.52
C ARG B 176 -11.66 8.23 15.37
N ASN B 177 -12.91 7.77 15.36
CA ASN B 177 -14.09 8.64 15.33
C ASN B 177 -15.21 7.94 16.09
N SER B 178 -16.28 8.68 16.38
CA SER B 178 -17.37 8.10 17.16
C SER B 178 -18.68 8.85 16.90
N PHE B 179 -19.79 8.15 17.17
CA PHE B 179 -21.12 8.72 17.06
C PHE B 179 -22.06 8.03 18.05
N GLU B 180 -22.93 8.82 18.69
CA GLU B 180 -24.03 8.27 19.46
C GLU B 180 -24.98 7.47 18.56
N VAL B 181 -25.58 6.41 19.12
CA VAL B 181 -26.55 5.60 18.39
C VAL B 181 -27.81 5.45 19.24
N ARG B 182 -28.95 5.60 18.59
CA ARG B 182 -30.22 5.15 19.14
C ARG B 182 -30.83 4.15 18.17
N VAL B 183 -31.14 2.97 18.68
CA VAL B 183 -31.81 1.93 17.90
C VAL B 183 -33.27 1.97 18.32
N CYS B 184 -34.16 2.19 17.35
CA CYS B 184 -35.56 2.45 17.67
C CYS B 184 -36.40 2.08 16.46
N ALA B 185 -37.71 2.02 16.68
CA ALA B 185 -38.58 1.55 15.62
C ALA B 185 -38.95 2.64 14.63
N CYS B 186 -38.89 3.93 15.01
CA CYS B 186 -39.17 5.04 14.10
C CYS B 186 -38.01 6.04 14.13
N PRO B 187 -36.93 5.77 13.37
CA PRO B 187 -35.75 6.64 13.50
C PRO B 187 -35.98 8.08 13.07
N GLY B 188 -36.73 8.30 12.00
CA GLY B 188 -36.92 9.66 11.50
C GLY B 188 -37.68 10.53 12.48
N ARG B 189 -38.78 10.01 13.01
CA ARG B 189 -39.54 10.71 14.03
C ARG B 189 -38.68 10.98 15.27
N ASP B 190 -37.90 9.98 15.69
CA ASP B 190 -37.15 10.14 16.92
C ASP B 190 -35.98 11.10 16.73
N ARG B 191 -35.48 11.22 15.50
CA ARG B 191 -34.48 12.25 15.23
C ARG B 191 -35.10 13.63 15.32
N ARG B 192 -36.31 13.81 14.77
CA ARG B 192 -37.00 15.09 14.95
C ARG B 192 -37.20 15.40 16.43
N THR B 193 -37.59 14.39 17.21
CA THR B 193 -37.84 14.61 18.64
C THR B 193 -36.59 15.14 19.32
N GLU B 194 -35.44 14.50 19.12
CA GLU B 194 -34.26 14.88 19.88
C GLU B 194 -33.66 16.20 19.42
N GLU B 195 -33.82 16.57 18.13
CA GLU B 195 -33.35 17.89 17.71
C GLU B 195 -34.24 19.02 18.22
N GLU B 196 -35.38 18.68 18.84
CA GLU B 196 -36.40 19.68 19.13
C GLU B 196 -35.90 20.75 20.08
N ASN B 197 -34.99 20.40 20.99
CA ASN B 197 -34.50 21.40 21.94
C ASN B 197 -33.25 22.13 21.43
N LEU B 198 -32.98 22.08 20.13
CA LEU B 198 -31.89 22.86 19.57
C LEU B 198 -32.42 24.17 19.06
N CYS C 1 2.38 -4.65 -33.85
CA CYS C 1 1.49 -4.62 -32.69
C CYS C 1 2.18 -5.20 -31.48
N SER C 2 3.50 -5.10 -31.47
CA SER C 2 4.28 -5.54 -30.31
C SER C 2 5.47 -4.61 -30.16
N VAL C 3 6.08 -4.63 -28.98
CA VAL C 3 7.24 -3.78 -28.72
C VAL C 3 8.07 -4.44 -27.63
N ASP C 4 9.40 -4.37 -27.81
CA ASP C 4 10.35 -5.00 -26.91
C ASP C 4 11.09 -3.91 -26.13
N ILE C 5 11.05 -4.00 -24.78
CA ILE C 5 11.54 -2.95 -23.90
C ILE C 5 12.41 -3.58 -22.82
N GLN C 6 13.47 -2.88 -22.45
CA GLN C 6 14.38 -3.31 -21.41
C GLN C 6 14.52 -2.24 -20.35
N GLY C 7 14.74 -2.68 -19.12
CA GLY C 7 15.23 -1.82 -18.06
C GLY C 7 16.57 -2.35 -17.58
N ASN C 8 17.58 -1.48 -17.60
CA ASN C 8 18.94 -1.86 -17.27
C ASN C 8 19.18 -1.66 -15.76
N ASP C 9 20.43 -1.78 -15.33
CA ASP C 9 20.74 -1.54 -13.93
C ASP C 9 20.84 -0.06 -13.62
N GLN C 10 20.69 0.83 -14.61
CA GLN C 10 20.80 2.26 -14.38
C GLN C 10 19.43 2.95 -14.27
N MET C 11 18.39 2.20 -13.92
CA MET C 11 17.05 2.78 -13.78
C MET C 11 16.64 3.50 -15.06
N GLN C 12 16.80 2.80 -16.19
CA GLN C 12 16.48 3.34 -17.50
C GLN C 12 15.71 2.32 -18.31
N PHE C 13 14.58 2.74 -18.90
CA PHE C 13 14.02 2.02 -20.02
C PHE C 13 14.82 2.35 -21.28
N ASN C 14 14.86 1.42 -22.22
CA ASN C 14 15.53 1.70 -23.48
C ASN C 14 14.61 2.37 -24.51
N THR C 15 13.46 2.88 -24.08
CA THR C 15 12.69 3.82 -24.89
C THR C 15 11.89 4.70 -23.95
N ASN C 16 11.45 5.86 -24.47
CA ASN C 16 10.60 6.78 -23.70
C ASN C 16 9.35 7.19 -24.47
N ALA C 17 8.97 6.44 -25.51
CA ALA C 17 7.84 6.85 -26.34
C ALA C 17 7.37 5.63 -27.12
N ILE C 18 6.18 5.14 -26.79
CA ILE C 18 5.57 4.01 -27.49
C ILE C 18 4.42 4.53 -28.35
N THR C 19 4.34 4.04 -29.57
CA THR C 19 3.14 4.25 -30.37
C THR C 19 2.50 2.90 -30.66
N VAL C 20 1.19 2.82 -30.49
CA VAL C 20 0.42 1.63 -30.83
C VAL C 20 -0.37 1.94 -32.10
N ASP C 21 -0.22 1.08 -33.10
CA ASP C 21 -0.92 1.29 -34.37
C ASP C 21 -2.43 1.16 -34.20
N LYS C 22 -3.16 2.13 -34.75
CA LYS C 22 -4.61 2.14 -34.66
C LYS C 22 -5.23 0.82 -35.12
N SER C 23 -4.60 0.17 -36.11
CA SER C 23 -5.11 -1.07 -36.66
C SER C 23 -5.17 -2.19 -35.61
N CYS C 24 -4.19 -2.27 -34.72
CA CYS C 24 -4.04 -3.41 -33.82
C CYS C 24 -5.29 -3.59 -32.95
N LYS C 25 -5.66 -4.86 -32.72
CA LYS C 25 -6.72 -5.24 -31.80
C LYS C 25 -6.18 -5.51 -30.40
N GLN C 26 -5.00 -6.13 -30.32
CA GLN C 26 -4.28 -6.33 -29.08
C GLN C 26 -2.84 -5.86 -29.26
N PHE C 27 -2.24 -5.40 -28.17
CA PHE C 27 -0.86 -4.92 -28.16
C PHE C 27 -0.09 -5.63 -27.07
N THR C 28 1.17 -5.97 -27.33
CA THR C 28 1.98 -6.72 -26.38
C THR C 28 3.27 -5.97 -26.06
N VAL C 29 3.55 -5.84 -24.77
CA VAL C 29 4.84 -5.38 -24.27
C VAL C 29 5.65 -6.61 -23.89
N ASN C 30 6.92 -6.61 -24.26
CA ASN C 30 7.84 -7.70 -23.97
C ASN C 30 8.96 -7.07 -23.15
N LEU C 31 8.84 -7.17 -21.83
CA LEU C 31 9.78 -6.52 -20.92
C LEU C 31 10.85 -7.52 -20.48
N SER C 32 12.10 -7.09 -20.49
CA SER C 32 13.21 -7.90 -20.02
C SER C 32 14.13 -7.02 -19.19
N HIS C 33 15.08 -7.67 -18.51
CA HIS C 33 15.99 -7.01 -17.58
C HIS C 33 17.39 -7.53 -17.84
N PRO C 34 18.15 -6.88 -18.73
CA PRO C 34 19.51 -7.34 -19.03
C PRO C 34 20.57 -6.97 -17.99
N GLY C 35 20.20 -6.34 -16.87
CA GLY C 35 21.16 -6.01 -15.86
C GLY C 35 21.50 -7.21 -14.97
N ASN C 36 22.14 -6.90 -13.84
CA ASN C 36 22.50 -7.92 -12.86
C ASN C 36 21.95 -7.65 -11.49
N LEU C 37 21.13 -6.62 -11.31
CA LEU C 37 20.68 -6.43 -9.95
C LEU C 37 19.36 -7.15 -9.71
N PRO C 38 19.18 -7.78 -8.56
CA PRO C 38 17.91 -8.48 -8.28
C PRO C 38 16.77 -7.48 -8.12
N LYS C 39 15.55 -8.01 -8.05
CA LYS C 39 14.38 -7.15 -8.17
C LYS C 39 14.04 -6.41 -6.89
N ASN C 40 14.59 -6.80 -5.73
CA ASN C 40 14.36 -5.98 -4.55
C ASN C 40 15.14 -4.66 -4.59
N VAL C 41 16.05 -4.48 -5.54
CA VAL C 41 16.79 -3.23 -5.64
C VAL C 41 16.65 -2.64 -7.04
N MET C 42 16.44 -3.49 -8.04
CA MET C 42 16.30 -3.00 -9.41
C MET C 42 15.12 -3.67 -10.11
N GLY C 43 14.01 -3.84 -9.38
CA GLY C 43 12.84 -4.48 -9.96
C GLY C 43 12.12 -3.55 -10.91
N HIS C 44 11.96 -3.96 -12.16
CA HIS C 44 11.22 -3.16 -13.10
C HIS C 44 9.87 -3.77 -13.42
N ASN C 45 8.91 -2.90 -13.69
CA ASN C 45 7.70 -3.33 -14.35
C ASN C 45 7.35 -2.28 -15.39
N TRP C 46 6.45 -2.67 -16.29
CA TRP C 46 5.92 -1.78 -17.31
C TRP C 46 4.44 -1.60 -17.01
N VAL C 47 4.08 -0.44 -16.49
CA VAL C 47 2.72 -0.15 -16.04
C VAL C 47 2.15 0.98 -16.89
N LEU C 48 0.93 0.79 -17.40
CA LEU C 48 0.28 1.73 -18.31
C LEU C 48 -0.95 2.35 -17.64
N SER C 49 -1.01 3.69 -17.66
CA SER C 49 -2.18 4.42 -17.19
C SER C 49 -2.30 5.69 -18.03
N THR C 50 -3.39 6.44 -17.80
CA THR C 50 -3.42 7.79 -18.34
C THR C 50 -2.35 8.64 -17.65
N ALA C 51 -1.91 9.68 -18.36
CA ALA C 51 -0.99 10.63 -17.76
C ALA C 51 -1.56 11.18 -16.45
N ALA C 52 -2.87 11.48 -16.43
CA ALA C 52 -3.48 12.06 -15.24
C ALA C 52 -3.46 11.09 -14.07
N ASP C 53 -3.49 9.78 -14.33
CA ASP C 53 -3.50 8.76 -13.30
C ASP C 53 -2.12 8.27 -12.88
N MET C 54 -1.07 8.62 -13.62
CA MET C 54 0.25 8.03 -13.36
C MET C 54 0.68 8.25 -11.91
N GLN C 55 0.65 9.49 -11.44
CA GLN C 55 1.22 9.78 -10.12
C GLN C 55 0.48 9.04 -9.01
N GLY C 56 -0.86 9.00 -9.10
CA GLY C 56 -1.62 8.23 -8.12
C GLY C 56 -1.30 6.74 -8.15
N VAL C 57 -1.20 6.16 -9.35
CA VAL C 57 -0.80 4.76 -9.50
C VAL C 57 0.56 4.53 -8.87
N VAL C 58 1.45 5.52 -9.00
CA VAL C 58 2.80 5.36 -8.49
C VAL C 58 2.81 5.43 -6.96
N THR C 59 2.14 6.43 -6.39
CA THR C 59 2.15 6.57 -4.93
C THR C 59 1.51 5.37 -4.24
N ASP C 60 0.30 5.00 -4.66
CA ASP C 60 -0.35 3.84 -4.06
C ASP C 60 0.42 2.56 -4.37
N GLY C 61 1.06 2.50 -5.54
CA GLY C 61 1.87 1.35 -5.87
C GLY C 61 3.09 1.23 -4.97
N MET C 62 3.82 2.32 -4.78
CA MET C 62 4.99 2.29 -3.89
C MET C 62 4.62 1.76 -2.52
N ALA C 63 3.57 2.31 -1.91
CA ALA C 63 3.18 1.89 -0.57
C ALA C 63 2.60 0.48 -0.55
N SER C 64 2.35 -0.13 -1.72
CA SER C 64 1.87 -1.51 -1.72
C SER C 64 3.01 -2.48 -1.53
N GLY C 65 4.20 -2.14 -2.02
CA GLY C 65 5.41 -2.82 -1.63
C GLY C 65 5.82 -3.92 -2.58
N LEU C 66 7.03 -4.42 -2.29
CA LEU C 66 7.69 -5.39 -3.17
C LEU C 66 6.82 -6.62 -3.42
N ASP C 67 6.22 -7.16 -2.36
CA ASP C 67 5.46 -8.40 -2.50
C ASP C 67 4.14 -8.22 -3.26
N LYS C 68 3.72 -7.00 -3.54
CA LYS C 68 2.61 -6.74 -4.46
C LYS C 68 3.11 -6.13 -5.77
N ASP C 69 4.37 -6.39 -6.12
CA ASP C 69 4.96 -5.89 -7.37
C ASP C 69 4.84 -4.37 -7.47
N TYR C 70 4.82 -3.74 -6.29
CA TYR C 70 4.69 -2.31 -6.11
C TYR C 70 3.45 -1.78 -6.83
N LEU C 71 2.34 -2.51 -6.74
CA LEU C 71 1.08 -2.09 -7.35
C LEU C 71 -0.03 -2.17 -6.32
N LYS C 72 -0.87 -1.13 -6.27
CA LYS C 72 -2.06 -1.19 -5.43
C LYS C 72 -2.97 -2.28 -5.97
N PRO C 73 -3.43 -3.20 -5.14
CA PRO C 73 -4.23 -4.33 -5.64
C PRO C 73 -5.51 -3.84 -6.30
N ASP C 74 -5.80 -4.38 -7.50
CA ASP C 74 -7.06 -4.13 -8.21
C ASP C 74 -7.18 -2.69 -8.71
N ASP C 75 -6.06 -2.02 -8.93
CA ASP C 75 -6.07 -0.62 -9.29
C ASP C 75 -6.76 -0.38 -10.63
N SER C 76 -7.91 0.30 -10.60
CA SER C 76 -8.67 0.54 -11.83
C SER C 76 -7.91 1.45 -12.80
N ARG C 77 -7.02 2.30 -12.28
CA ARG C 77 -6.29 3.24 -13.11
C ARG C 77 -5.25 2.56 -13.99
N VAL C 78 -4.91 1.30 -13.73
CA VAL C 78 -3.91 0.58 -14.49
C VAL C 78 -4.61 -0.12 -15.65
N ILE C 79 -4.38 0.36 -16.88
CA ILE C 79 -4.93 -0.28 -18.06
C ILE C 79 -4.30 -1.66 -18.26
N ALA C 80 -2.98 -1.75 -18.12
CA ALA C 80 -2.24 -3.00 -18.28
C ALA C 80 -0.91 -2.84 -17.56
N HIS C 81 -0.27 -3.98 -17.25
CA HIS C 81 0.99 -4.00 -16.53
C HIS C 81 1.64 -5.38 -16.61
N THR C 82 2.97 -5.40 -16.78
CA THR C 82 3.76 -6.61 -16.56
C THR C 82 3.84 -6.91 -15.07
N LYS C 83 4.49 -8.01 -14.71
CA LYS C 83 4.86 -8.16 -13.31
C LYS C 83 6.20 -7.47 -13.09
N LEU C 84 6.60 -7.39 -11.83
CA LEU C 84 7.93 -6.91 -11.51
C LEU C 84 8.96 -7.99 -11.86
N ILE C 85 9.99 -7.62 -12.61
CA ILE C 85 11.09 -8.53 -12.89
C ILE C 85 12.40 -7.95 -12.35
N GLY C 86 13.34 -8.83 -12.05
CA GLY C 86 14.70 -8.44 -11.75
C GLY C 86 15.64 -8.98 -12.80
N SER C 87 16.93 -9.03 -12.49
CA SER C 87 17.98 -9.41 -13.43
C SER C 87 17.69 -10.77 -14.08
N GLY C 88 17.78 -10.80 -15.42
CA GLY C 88 17.62 -12.04 -16.16
C GLY C 88 16.19 -12.50 -16.36
N GLU C 89 15.20 -11.78 -15.84
CA GLU C 89 13.80 -12.18 -15.97
C GLU C 89 13.14 -11.46 -17.13
N LYS C 90 12.01 -12.01 -17.59
CA LYS C 90 11.22 -11.39 -18.63
C LYS C 90 9.74 -11.67 -18.41
N ASP C 91 8.91 -10.72 -18.84
CA ASP C 91 7.48 -10.87 -18.70
C ASP C 91 6.79 -10.07 -19.79
N SER C 92 5.73 -10.63 -20.33
CA SER C 92 4.94 -9.99 -21.36
C SER C 92 3.55 -9.70 -20.81
N VAL C 93 2.89 -8.73 -21.45
CA VAL C 93 1.51 -8.38 -21.15
C VAL C 93 0.81 -8.04 -22.46
N THR C 94 -0.46 -8.41 -22.57
CA THR C 94 -1.28 -8.14 -23.74
C THR C 94 -2.58 -7.51 -23.28
N PHE C 95 -2.92 -6.36 -23.86
CA PHE C 95 -4.17 -5.68 -23.54
C PHE C 95 -4.90 -5.31 -24.82
N ASP C 96 -6.23 -5.21 -24.73
CA ASP C 96 -7.00 -4.78 -25.89
C ASP C 96 -6.72 -3.30 -26.19
N VAL C 97 -6.55 -3.01 -27.48
CA VAL C 97 -6.40 -1.63 -27.91
C VAL C 97 -7.70 -0.85 -27.77
N SER C 98 -8.83 -1.56 -27.60
CA SER C 98 -10.10 -0.89 -27.35
C SER C 98 -10.11 -0.15 -26.01
N LYS C 99 -9.14 -0.39 -25.14
CA LYS C 99 -9.01 0.36 -23.90
C LYS C 99 -8.34 1.73 -24.09
N LEU C 100 -7.97 2.11 -25.33
CA LEU C 100 -7.31 3.38 -25.55
C LEU C 100 -8.20 4.33 -26.34
N LYS C 101 -7.90 5.62 -26.21
CA LYS C 101 -8.56 6.71 -26.94
C LYS C 101 -7.55 7.45 -27.79
N GLU C 102 -7.97 7.90 -28.98
CA GLU C 102 -7.07 8.71 -29.79
C GLU C 102 -6.92 10.13 -29.25
N GLY C 103 -7.89 10.61 -28.46
CA GLY C 103 -7.77 11.93 -27.87
C GLY C 103 -7.38 11.90 -26.42
N GLU C 104 -6.40 11.07 -26.06
CA GLU C 104 -6.07 10.85 -24.66
C GLU C 104 -4.56 10.74 -24.48
N GLN C 105 -4.11 11.18 -23.31
CA GLN C 105 -2.70 11.21 -22.94
C GLN C 105 -2.41 9.99 -22.06
N TYR C 106 -1.52 9.11 -22.53
CA TYR C 106 -1.16 7.91 -21.78
C TYR C 106 0.33 7.92 -21.44
N MET C 107 0.65 7.35 -20.29
CA MET C 107 2.02 7.20 -19.85
C MET C 107 2.30 5.75 -19.50
N PHE C 108 3.56 5.34 -19.63
CA PHE C 108 4.03 4.07 -19.10
C PHE C 108 5.20 4.34 -18.16
N PHE C 109 5.29 3.55 -17.09
CA PHE C 109 6.24 3.86 -16.03
C PHE C 109 6.52 2.60 -15.23
N CYS C 110 7.67 2.60 -14.56
CA CYS C 110 7.96 1.65 -13.50
C CYS C 110 7.50 2.22 -12.16
N THR C 111 7.00 1.36 -11.28
CA THR C 111 6.53 1.84 -9.99
C THR C 111 7.51 1.54 -8.84
N PHE C 112 8.71 1.03 -9.15
CA PHE C 112 9.68 0.79 -8.10
C PHE C 112 9.96 2.12 -7.38
N PRO C 113 9.87 2.16 -6.06
CA PRO C 113 10.04 3.42 -5.33
C PRO C 113 11.27 4.20 -5.75
N GLY C 114 11.06 5.43 -6.21
CA GLY C 114 12.14 6.30 -6.60
C GLY C 114 12.69 6.06 -7.99
N HIS C 115 12.08 5.18 -8.76
CA HIS C 115 12.56 4.94 -10.10
C HIS C 115 11.61 5.50 -11.15
N SER C 116 10.42 5.92 -10.74
CA SER C 116 9.37 6.32 -11.67
C SER C 116 9.76 7.57 -12.44
N ALA C 117 10.29 8.59 -11.77
CA ALA C 117 10.72 9.78 -12.49
C ALA C 117 11.67 9.41 -13.64
N LEU C 118 12.52 8.40 -13.41
CA LEU C 118 13.53 8.08 -14.40
C LEU C 118 13.04 7.10 -15.46
N MET C 119 12.04 6.27 -15.13
CA MET C 119 11.55 5.20 -16.02
C MET C 119 10.12 5.49 -16.43
N LYS C 120 9.95 6.38 -17.40
CA LYS C 120 8.63 6.74 -17.87
C LYS C 120 8.69 7.12 -19.34
N GLY C 121 7.54 7.15 -19.98
CA GLY C 121 7.46 7.54 -21.38
C GLY C 121 6.02 7.57 -21.85
N THR C 122 5.83 8.14 -23.03
CA THR C 122 4.50 8.36 -23.59
C THR C 122 4.06 7.17 -24.43
N LEU C 123 2.77 6.85 -24.36
CA LEU C 123 2.21 5.80 -25.20
C LEU C 123 1.22 6.36 -26.21
N CYS D 1 1.67 -21.38 -31.17
CA CYS D 1 2.75 -22.11 -30.50
C CYS D 1 2.82 -21.78 -29.02
N SER D 2 1.71 -21.30 -28.49
CA SER D 2 1.64 -21.00 -27.07
C SER D 2 0.22 -21.22 -26.60
N VAL D 3 0.09 -21.40 -25.29
CA VAL D 3 -1.20 -21.52 -24.64
C VAL D 3 -1.09 -20.85 -23.29
N ASP D 4 -2.20 -20.26 -22.84
CA ASP D 4 -2.32 -19.65 -21.52
C ASP D 4 -3.06 -20.60 -20.59
N ILE D 5 -2.50 -20.81 -19.39
CA ILE D 5 -3.10 -21.70 -18.41
C ILE D 5 -3.26 -20.96 -17.08
N GLN D 6 -4.33 -21.31 -16.36
CA GLN D 6 -4.65 -20.78 -15.05
C GLN D 6 -4.77 -21.92 -14.05
N GLY D 7 -4.14 -21.75 -12.89
CA GLY D 7 -4.44 -22.55 -11.72
C GLY D 7 -5.06 -21.64 -10.65
N ASN D 8 -6.17 -22.10 -10.10
CA ASN D 8 -6.93 -21.26 -9.17
C ASN D 8 -6.73 -21.74 -7.73
N ASP D 9 -7.59 -21.28 -6.83
CA ASP D 9 -7.55 -21.70 -5.43
C ASP D 9 -8.29 -23.02 -5.17
N GLN D 10 -8.90 -23.63 -6.18
CA GLN D 10 -9.65 -24.87 -6.03
C GLN D 10 -8.99 -26.05 -6.73
N MET D 11 -7.67 -26.01 -6.91
CA MET D 11 -6.89 -27.12 -7.49
C MET D 11 -7.41 -27.51 -8.87
N GLN D 12 -7.70 -26.51 -9.69
CA GLN D 12 -8.15 -26.75 -11.05
C GLN D 12 -7.25 -25.97 -12.00
N PHE D 13 -6.78 -26.65 -13.03
CA PHE D 13 -6.40 -25.97 -14.25
C PHE D 13 -7.67 -25.56 -14.98
N ASN D 14 -7.53 -24.58 -15.87
CA ASN D 14 -8.64 -24.17 -16.72
C ASN D 14 -8.65 -24.88 -18.06
N THR D 15 -7.77 -25.86 -18.26
CA THR D 15 -7.90 -26.79 -19.37
C THR D 15 -7.30 -28.13 -18.96
N ASN D 16 -7.97 -29.21 -19.40
CA ASN D 16 -7.50 -30.58 -19.23
C ASN D 16 -6.90 -31.14 -20.54
N ALA D 17 -6.66 -30.28 -21.53
CA ALA D 17 -6.21 -30.76 -22.83
C ALA D 17 -5.38 -29.70 -23.52
N ILE D 18 -4.12 -30.01 -23.80
CA ILE D 18 -3.25 -29.14 -24.59
C ILE D 18 -2.87 -29.90 -25.85
N THR D 19 -2.99 -29.21 -26.99
CA THR D 19 -2.66 -29.79 -28.28
C THR D 19 -1.61 -28.91 -28.93
N VAL D 20 -0.42 -29.47 -29.12
CA VAL D 20 0.68 -28.74 -29.74
C VAL D 20 0.66 -28.97 -31.25
N ASP D 21 0.40 -27.90 -32.01
CA ASP D 21 0.62 -27.91 -33.46
C ASP D 21 2.07 -28.27 -33.74
N LYS D 22 2.29 -29.31 -34.53
CA LYS D 22 3.66 -29.74 -34.78
C LYS D 22 4.32 -29.08 -35.98
N SER D 23 3.71 -28.04 -36.54
CA SER D 23 4.45 -27.06 -37.34
C SER D 23 5.26 -26.10 -36.47
N CYS D 24 5.08 -26.16 -35.14
CA CYS D 24 5.83 -25.32 -34.20
C CYS D 24 7.19 -25.95 -33.90
N LYS D 25 8.24 -25.14 -34.00
CA LYS D 25 9.56 -25.61 -33.59
C LYS D 25 9.73 -25.59 -32.06
N GLN D 26 9.11 -24.62 -31.39
CA GLN D 26 9.13 -24.51 -29.93
C GLN D 26 7.74 -24.14 -29.44
N PHE D 27 7.37 -24.67 -28.28
CA PHE D 27 6.08 -24.40 -27.67
C PHE D 27 6.29 -23.72 -26.32
N THR D 28 5.35 -22.84 -25.97
CA THR D 28 5.45 -22.01 -24.77
C THR D 28 4.12 -22.07 -24.02
N VAL D 29 4.19 -22.25 -22.70
CA VAL D 29 3.04 -22.25 -21.82
C VAL D 29 3.19 -21.08 -20.87
N ASN D 30 2.13 -20.26 -20.73
CA ASN D 30 2.13 -19.13 -19.82
C ASN D 30 1.15 -19.43 -18.69
N LEU D 31 1.69 -19.73 -17.51
CA LEU D 31 0.91 -20.07 -16.32
C LEU D 31 0.71 -18.84 -15.44
N SER D 32 -0.52 -18.66 -14.94
CA SER D 32 -0.86 -17.61 -14.00
C SER D 32 -1.64 -18.18 -12.82
N HIS D 33 -1.79 -17.37 -11.77
CA HIS D 33 -2.47 -17.81 -10.55
C HIS D 33 -3.52 -16.77 -10.19
N PRO D 34 -4.76 -16.95 -10.65
CA PRO D 34 -5.81 -15.96 -10.36
C PRO D 34 -6.38 -15.99 -8.95
N GLY D 35 -5.95 -16.90 -8.08
CA GLY D 35 -6.44 -16.95 -6.72
C GLY D 35 -5.79 -15.92 -5.82
N ASN D 36 -6.04 -16.06 -4.53
CA ASN D 36 -5.46 -15.19 -3.50
C ASN D 36 -4.46 -15.89 -2.58
N LEU D 37 -4.35 -17.22 -2.67
CA LEU D 37 -3.55 -17.99 -1.73
C LEU D 37 -2.09 -18.01 -2.17
N PRO D 38 -1.16 -17.85 -1.24
CA PRO D 38 0.27 -17.86 -1.59
C PRO D 38 0.77 -19.27 -1.84
N LYS D 39 1.95 -19.36 -2.46
CA LYS D 39 2.39 -20.65 -2.99
C LYS D 39 2.77 -21.66 -1.90
N ASN D 40 2.89 -21.23 -0.64
CA ASN D 40 3.17 -22.17 0.44
C ASN D 40 1.93 -22.92 0.89
N VAL D 41 0.74 -22.43 0.52
CA VAL D 41 -0.47 -23.16 0.82
C VAL D 41 -1.22 -23.58 -0.44
N MET D 42 -0.98 -22.96 -1.59
CA MET D 42 -1.67 -23.27 -2.84
C MET D 42 -0.73 -22.91 -4.02
N GLY D 43 0.46 -23.50 -4.03
CA GLY D 43 1.40 -23.26 -5.13
C GLY D 43 1.11 -24.14 -6.33
N HIS D 44 1.33 -23.58 -7.53
CA HIS D 44 1.03 -24.23 -8.80
C HIS D 44 2.23 -24.20 -9.72
N ASN D 45 2.58 -25.35 -10.28
CA ASN D 45 3.54 -25.42 -11.37
C ASN D 45 2.88 -26.13 -12.55
N TRP D 46 3.54 -26.03 -13.70
CA TRP D 46 3.12 -26.74 -14.90
C TRP D 46 4.26 -27.67 -15.29
N VAL D 47 4.06 -28.98 -15.16
CA VAL D 47 5.11 -29.97 -15.31
C VAL D 47 4.74 -30.92 -16.44
N LEU D 48 5.67 -31.12 -17.38
CA LEU D 48 5.44 -31.99 -18.52
C LEU D 48 6.28 -33.26 -18.40
N SER D 49 5.62 -34.41 -18.52
CA SER D 49 6.33 -35.67 -18.63
C SER D 49 5.45 -36.64 -19.41
N THR D 50 6.05 -37.78 -19.78
CA THR D 50 5.28 -38.88 -20.36
C THR D 50 4.21 -39.33 -19.36
N ALA D 51 3.23 -40.09 -19.86
CA ALA D 51 2.14 -40.55 -18.98
C ALA D 51 2.61 -41.60 -17.98
N ALA D 52 3.51 -42.50 -18.40
CA ALA D 52 4.03 -43.50 -17.47
C ALA D 52 4.90 -42.85 -16.39
N ASP D 53 5.68 -41.84 -16.76
CA ASP D 53 6.58 -41.21 -15.83
C ASP D 53 5.86 -40.27 -14.87
N MET D 54 4.60 -39.91 -15.16
CA MET D 54 3.93 -38.86 -14.39
C MET D 54 3.89 -39.19 -12.91
N GLN D 55 3.46 -40.41 -12.55
CA GLN D 55 3.32 -40.79 -11.15
C GLN D 55 4.66 -40.68 -10.41
N GLY D 56 5.73 -41.22 -11.00
CA GLY D 56 7.06 -41.06 -10.41
C GLY D 56 7.45 -39.60 -10.19
N VAL D 57 7.24 -38.75 -11.21
CA VAL D 57 7.53 -37.32 -11.09
C VAL D 57 6.81 -36.75 -9.88
N VAL D 58 5.51 -37.06 -9.75
CA VAL D 58 4.69 -36.51 -8.70
C VAL D 58 5.22 -36.96 -7.35
N THR D 59 5.54 -38.26 -7.23
CA THR D 59 5.93 -38.84 -5.95
C THR D 59 7.26 -38.28 -5.46
N ASP D 60 8.27 -38.27 -6.31
CA ASP D 60 9.56 -37.74 -5.91
C ASP D 60 9.49 -36.24 -5.71
N GLY D 61 8.75 -35.54 -6.57
CA GLY D 61 8.60 -34.10 -6.39
C GLY D 61 7.99 -33.76 -5.04
N MET D 62 7.01 -34.56 -4.61
CA MET D 62 6.30 -34.35 -3.36
C MET D 62 7.21 -34.51 -2.15
N ALA D 63 8.19 -35.42 -2.25
CA ALA D 63 9.20 -35.60 -1.22
C ALA D 63 10.32 -34.58 -1.29
N SER D 64 10.28 -33.68 -2.27
CA SER D 64 11.36 -32.71 -2.49
C SER D 64 11.13 -31.38 -1.79
N GLY D 65 9.87 -30.98 -1.61
CA GLY D 65 9.54 -29.85 -0.78
C GLY D 65 9.47 -28.53 -1.56
N LEU D 66 8.89 -27.54 -0.87
CA LEU D 66 8.61 -26.24 -1.46
C LEU D 66 9.88 -25.54 -1.95
N ASP D 67 10.99 -25.68 -1.20
CA ASP D 67 12.28 -25.11 -1.61
C ASP D 67 12.70 -25.58 -2.99
N LYS D 68 12.45 -26.86 -3.32
CA LYS D 68 12.77 -27.38 -4.65
C LYS D 68 11.62 -27.17 -5.64
N ASP D 69 10.66 -26.31 -5.31
CA ASP D 69 9.43 -26.14 -6.07
C ASP D 69 8.68 -27.46 -6.24
N TYR D 70 8.87 -28.41 -5.31
CA TYR D 70 8.24 -29.73 -5.37
C TYR D 70 8.61 -30.48 -6.65
N LEU D 71 9.88 -30.39 -7.01
CA LEU D 71 10.42 -31.08 -8.16
C LEU D 71 11.69 -31.76 -7.69
N LYS D 72 11.88 -33.00 -8.12
CA LYS D 72 13.13 -33.66 -7.83
C LYS D 72 14.23 -32.94 -8.60
N PRO D 73 15.27 -32.44 -7.94
CA PRO D 73 16.33 -31.72 -8.67
C PRO D 73 16.91 -32.57 -9.80
N ASP D 74 17.04 -31.95 -10.98
CA ASP D 74 17.64 -32.57 -12.17
C ASP D 74 16.86 -33.83 -12.58
N ASP D 75 15.53 -33.76 -12.46
CA ASP D 75 14.68 -34.89 -12.84
C ASP D 75 14.66 -35.01 -14.36
N SER D 76 15.29 -36.07 -14.87
CA SER D 76 15.39 -36.26 -16.31
C SER D 76 14.04 -36.64 -16.94
N ARG D 77 13.06 -37.08 -16.15
CA ARG D 77 11.76 -37.39 -16.71
C ARG D 77 10.92 -36.15 -16.99
N VAL D 78 11.29 -34.99 -16.45
CA VAL D 78 10.58 -33.74 -16.72
C VAL D 78 11.05 -33.18 -18.07
N ILE D 79 10.15 -33.21 -19.06
CA ILE D 79 10.46 -32.67 -20.38
C ILE D 79 10.56 -31.15 -20.32
N ALA D 80 9.57 -30.51 -19.70
CA ALA D 80 9.57 -29.07 -19.48
C ALA D 80 8.83 -28.80 -18.17
N HIS D 81 9.10 -27.63 -17.58
CA HIS D 81 8.34 -27.22 -16.40
C HIS D 81 8.46 -25.72 -16.21
N THR D 82 7.42 -25.12 -15.62
CA THR D 82 7.48 -23.78 -15.07
C THR D 82 8.07 -23.80 -13.67
N LYS D 83 8.19 -22.61 -13.08
CA LYS D 83 8.37 -22.47 -11.64
C LYS D 83 7.04 -22.72 -10.94
N LEU D 84 7.13 -23.08 -9.65
CA LEU D 84 5.98 -23.04 -8.75
C LEU D 84 5.67 -21.60 -8.38
N ILE D 85 4.39 -21.24 -8.44
CA ILE D 85 3.94 -19.86 -8.28
C ILE D 85 2.77 -19.82 -7.33
N GLY D 86 2.59 -18.67 -6.68
CA GLY D 86 1.44 -18.41 -5.86
C GLY D 86 0.52 -17.37 -6.49
N SER D 87 -0.51 -17.01 -5.73
CA SER D 87 -1.43 -15.93 -6.07
C SER D 87 -0.76 -14.78 -6.79
N GLY D 88 -1.42 -14.30 -7.85
CA GLY D 88 -0.99 -13.11 -8.54
C GLY D 88 0.32 -13.20 -9.29
N GLU D 89 1.09 -14.28 -9.13
CA GLU D 89 2.34 -14.43 -9.87
C GLU D 89 2.08 -15.04 -11.25
N LYS D 90 3.15 -15.11 -12.05
CA LYS D 90 3.16 -15.68 -13.40
C LYS D 90 4.56 -16.22 -13.69
N ASP D 91 4.61 -17.18 -14.61
CA ASP D 91 5.85 -17.74 -15.11
C ASP D 91 5.54 -18.51 -16.39
N SER D 92 6.44 -18.45 -17.37
CA SER D 92 6.33 -19.18 -18.63
C SER D 92 7.54 -20.10 -18.83
N VAL D 93 7.35 -21.10 -19.69
CA VAL D 93 8.41 -22.04 -20.04
C VAL D 93 8.31 -22.34 -21.52
N THR D 94 9.45 -22.35 -22.21
CA THR D 94 9.51 -22.71 -23.61
C THR D 94 10.39 -23.95 -23.77
N PHE D 95 9.93 -24.90 -24.59
CA PHE D 95 10.68 -26.11 -24.86
C PHE D 95 10.62 -26.42 -26.35
N ASP D 96 11.55 -27.27 -26.80
CA ASP D 96 11.61 -27.67 -28.22
C ASP D 96 10.53 -28.70 -28.50
N VAL D 97 9.75 -28.45 -29.54
CA VAL D 97 8.81 -29.48 -29.98
C VAL D 97 9.59 -30.66 -30.56
N SER D 98 10.92 -30.55 -30.56
CA SER D 98 11.78 -31.68 -30.90
C SER D 98 11.45 -32.93 -30.08
N LYS D 99 11.23 -32.76 -28.77
CA LYS D 99 11.20 -33.90 -27.83
C LYS D 99 9.78 -34.44 -27.57
N LEU D 100 8.99 -34.65 -28.63
CA LEU D 100 7.64 -35.22 -28.52
C LEU D 100 7.38 -36.16 -29.69
N LYS D 101 6.44 -37.11 -29.49
CA LYS D 101 6.10 -38.15 -30.45
C LYS D 101 4.61 -38.14 -30.77
N GLU D 102 4.27 -38.32 -32.05
CA GLU D 102 2.86 -38.42 -32.44
C GLU D 102 2.17 -39.62 -31.78
N GLY D 103 2.88 -40.73 -31.61
CA GLY D 103 2.31 -41.91 -31.00
C GLY D 103 2.67 -42.11 -29.54
N GLU D 104 2.63 -41.03 -28.75
CA GLU D 104 3.01 -41.09 -27.34
C GLU D 104 2.04 -40.28 -26.48
N GLN D 105 1.72 -40.84 -25.31
CA GLN D 105 0.87 -40.17 -24.32
C GLN D 105 1.72 -39.27 -23.42
N TYR D 106 1.29 -38.02 -23.28
CA TYR D 106 2.00 -37.03 -22.48
C TYR D 106 1.04 -36.37 -21.51
N MET D 107 1.51 -36.12 -20.29
CA MET D 107 0.67 -35.55 -19.24
C MET D 107 1.33 -34.28 -18.71
N PHE D 108 0.51 -33.24 -18.51
CA PHE D 108 0.94 -32.08 -17.76
C PHE D 108 0.18 -32.07 -16.44
N PHE D 109 0.78 -31.47 -15.42
CA PHE D 109 0.25 -31.61 -14.06
C PHE D 109 0.97 -30.63 -13.13
N CYS D 110 0.49 -30.55 -11.90
CA CYS D 110 1.07 -29.71 -10.86
C CYS D 110 1.49 -30.60 -9.70
N THR D 111 2.72 -30.41 -9.21
CA THR D 111 3.29 -31.36 -8.25
C THR D 111 3.20 -30.89 -6.80
N PHE D 112 2.61 -29.72 -6.53
CA PHE D 112 2.28 -29.36 -5.15
C PHE D 112 1.48 -30.48 -4.50
N PRO D 113 1.76 -30.82 -3.25
CA PRO D 113 1.13 -32.01 -2.62
C PRO D 113 -0.40 -32.04 -2.74
N GLY D 114 -0.91 -33.18 -3.20
CA GLY D 114 -2.32 -33.37 -3.45
C GLY D 114 -2.85 -32.83 -4.77
N HIS D 115 -2.18 -31.85 -5.38
CA HIS D 115 -2.82 -31.10 -6.46
C HIS D 115 -2.97 -31.93 -7.73
N SER D 116 -2.07 -32.89 -7.98
CA SER D 116 -2.05 -33.54 -9.30
C SER D 116 -3.29 -34.39 -9.56
N ALA D 117 -3.93 -34.92 -8.52
CA ALA D 117 -5.10 -35.77 -8.75
C ALA D 117 -6.18 -35.03 -9.53
N LEU D 118 -6.31 -33.73 -9.32
CA LEU D 118 -7.24 -32.86 -10.05
C LEU D 118 -6.55 -32.01 -11.11
N MET D 119 -5.35 -31.49 -10.82
CA MET D 119 -4.66 -30.55 -11.70
C MET D 119 -3.76 -31.32 -12.66
N LYS D 120 -4.34 -31.75 -13.78
CA LYS D 120 -3.63 -32.55 -14.77
C LYS D 120 -4.37 -32.49 -16.10
N GLY D 121 -3.68 -32.89 -17.16
CA GLY D 121 -4.29 -32.92 -18.48
C GLY D 121 -3.39 -33.62 -19.47
N THR D 122 -3.90 -33.75 -20.69
CA THR D 122 -3.18 -34.45 -21.75
C THR D 122 -2.41 -33.46 -22.61
N LEU D 123 -1.50 -34.01 -23.40
CA LEU D 123 -0.78 -33.29 -24.42
C LEU D 123 -0.16 -34.31 -25.37
#